data_3GM1
#
_entry.id   3GM1
#
_cell.length_a   73.774
_cell.length_b   73.774
_cell.length_c   156.925
_cell.angle_alpha   90.00
_cell.angle_beta   90.00
_cell.angle_gamma   90.00
#
_symmetry.space_group_name_H-M   'P 41 21 2'
#
loop_
_entity.id
_entity.type
_entity.pdbx_description
1 polymer 'Protein tyrosine kinase 2 beta'
2 polymer Paxillin
3 water water
#
loop_
_entity_poly.entity_id
_entity_poly.type
_entity_poly.pdbx_seq_one_letter_code
_entity_poly.pdbx_strand_id
1 'polypeptide(L)'
;GSHMRLGAQSIQPTANLDRTDDLVYLNVMELVRAVLELKNELAQLPPEGYVVVVKNVGLTLRKLIGSVDDLLPSLPSSSR
TEIEGTQKLLNKDLAELINKMRLAQQNAVTSLSEECKRQMLTASHTLAVDAKNLLDAVDQAKVLANLAHPPAE
;
A,B
2 'polypeptide(L)' ATRELDELMASLS E,F,C,D
#
# COMPACT_ATOMS: atom_id res chain seq x y z
N PRO A 13 -5.54 -20.20 -7.46
CA PRO A 13 -5.18 -18.80 -7.56
C PRO A 13 -5.92 -17.95 -6.50
N THR A 14 -5.80 -16.61 -6.56
CA THR A 14 -6.47 -15.75 -5.60
C THR A 14 -7.67 -15.03 -6.20
N ALA A 15 -8.63 -14.74 -5.32
CA ALA A 15 -9.77 -13.92 -5.65
C ALA A 15 -9.35 -12.62 -6.38
N ASN A 16 -10.21 -12.17 -7.30
CA ASN A 16 -10.02 -10.90 -7.96
C ASN A 16 -10.97 -9.90 -7.34
N LEU A 17 -10.43 -9.08 -6.45
CA LEU A 17 -11.21 -8.07 -5.78
C LEU A 17 -10.50 -6.75 -5.98
N ASP A 18 -11.16 -5.68 -5.55
CA ASP A 18 -10.60 -4.34 -5.53
C ASP A 18 -9.51 -4.24 -4.45
N ARG A 19 -8.26 -4.31 -4.87
CA ARG A 19 -7.12 -4.37 -3.95
C ARG A 19 -6.57 -3.01 -3.50
N THR A 20 -6.89 -1.97 -4.27
CA THR A 20 -6.58 -0.53 -3.96
C THR A 20 -6.68 -0.14 -2.47
N ASP A 21 -7.72 -0.62 -1.79
CA ASP A 21 -7.89 -0.40 -0.36
C ASP A 21 -7.70 -1.64 0.53
N ASP A 22 -7.03 -2.67 0.00
CA ASP A 22 -6.85 -3.91 0.72
C ASP A 22 -5.46 -3.88 1.37
N LEU A 23 -5.43 -3.38 2.60
CA LEU A 23 -4.18 -3.32 3.36
C LEU A 23 -3.69 -4.71 3.74
N VAL A 24 -4.63 -5.63 3.93
CA VAL A 24 -4.28 -7.03 4.09
C VAL A 24 -3.50 -7.47 2.86
N TYR A 25 -4.11 -7.37 1.70
CA TYR A 25 -3.48 -7.76 0.44
C TYR A 25 -2.08 -7.18 0.23
N LEU A 26 -1.90 -5.90 0.55
CA LEU A 26 -0.61 -5.29 0.35
C LEU A 26 0.44 -5.82 1.34
N ASN A 27 0.07 -5.86 2.62
CA ASN A 27 0.91 -6.47 3.63
C ASN A 27 1.29 -7.91 3.32
N VAL A 28 0.43 -8.60 2.57
CA VAL A 28 0.79 -9.95 2.19
C VAL A 28 1.94 -9.92 1.18
N MET A 29 1.78 -9.11 0.13
CA MET A 29 2.83 -8.96 -0.86
C MET A 29 4.15 -8.52 -0.24
N GLU A 30 4.11 -7.50 0.60
CA GLU A 30 5.33 -7.04 1.22
C GLU A 30 6.00 -8.19 1.94
N LEU A 31 5.22 -8.90 2.77
CA LEU A 31 5.74 -10.07 3.48
C LEU A 31 6.35 -11.07 2.51
N VAL A 32 5.64 -11.35 1.42
CA VAL A 32 6.16 -12.25 0.41
C VAL A 32 7.46 -11.73 -0.19
N ARG A 33 7.54 -10.42 -0.44
CA ARG A 33 8.78 -9.75 -0.87
C ARG A 33 9.91 -9.99 0.12
N ALA A 34 9.68 -9.66 1.39
CA ALA A 34 10.67 -9.88 2.43
C ALA A 34 11.11 -11.35 2.45
N VAL A 35 10.15 -12.26 2.38
CA VAL A 35 10.48 -13.65 2.35
C VAL A 35 11.35 -13.88 1.13
N LEU A 36 10.96 -13.31 0.00
CA LEU A 36 11.72 -13.48 -1.22
C LEU A 36 13.14 -12.93 -1.13
N GLU A 37 13.31 -11.82 -0.41
CA GLU A 37 14.64 -11.26 -0.21
C GLU A 37 15.50 -12.32 0.46
N LEU A 38 15.07 -12.77 1.63
CA LEU A 38 15.73 -13.84 2.35
C LEU A 38 16.21 -14.94 1.40
N LYS A 39 15.29 -15.68 0.80
CA LYS A 39 15.63 -16.79 -0.11
C LYS A 39 16.90 -16.58 -0.93
N ASN A 40 16.89 -15.61 -1.84
CA ASN A 40 18.06 -15.37 -2.68
C ASN A 40 18.95 -14.30 -2.11
N GLU A 41 19.30 -14.45 -0.83
CA GLU A 41 20.30 -13.59 -0.20
C GLU A 41 21.00 -14.32 0.93
N LEU A 42 20.50 -15.51 1.27
CA LEU A 42 21.13 -16.33 2.30
C LEU A 42 22.50 -16.79 1.87
N ALA A 43 22.59 -17.40 0.69
CA ALA A 43 23.87 -17.86 0.15
C ALA A 43 24.95 -16.77 0.24
N GLN A 44 24.58 -15.52 -0.08
CA GLN A 44 25.50 -14.38 -0.05
C GLN A 44 25.76 -13.84 1.38
N LEU A 45 24.71 -13.49 2.12
CA LEU A 45 24.80 -12.86 3.47
C LEU A 45 25.66 -13.52 4.57
N PRO A 46 26.39 -12.71 5.35
CA PRO A 46 27.09 -13.20 6.53
C PRO A 46 26.14 -13.46 7.70
N PRO A 47 26.62 -14.16 8.75
CA PRO A 47 25.78 -14.47 9.91
C PRO A 47 25.10 -13.26 10.56
N GLU A 48 25.79 -12.15 10.74
CA GLU A 48 25.16 -10.98 11.37
C GLU A 48 24.12 -10.36 10.42
N GLY A 49 24.27 -10.64 9.12
CA GLY A 49 23.33 -10.17 8.11
C GLY A 49 22.02 -10.93 8.08
N TYR A 50 21.96 -12.06 8.80
CA TYR A 50 20.72 -12.84 8.90
C TYR A 50 19.65 -12.11 9.72
N VAL A 51 20.05 -11.48 10.82
CA VAL A 51 19.11 -10.77 11.71
C VAL A 51 18.27 -9.75 10.95
N VAL A 52 18.89 -9.04 10.02
CA VAL A 52 18.22 -7.95 9.31
C VAL A 52 17.08 -8.46 8.42
N VAL A 53 17.33 -9.49 7.63
CA VAL A 53 16.33 -10.01 6.69
C VAL A 53 15.18 -10.73 7.39
N VAL A 54 15.50 -11.41 8.47
CA VAL A 54 14.51 -12.06 9.29
C VAL A 54 13.69 -11.00 10.01
N LYS A 55 14.32 -9.89 10.40
CA LYS A 55 13.60 -8.78 11.02
C LYS A 55 12.54 -8.15 10.09
N ASN A 56 12.84 -8.02 8.81
CA ASN A 56 11.90 -7.42 7.86
C ASN A 56 10.70 -8.30 7.65
N VAL A 57 10.94 -9.60 7.59
CA VAL A 57 9.85 -10.56 7.52
C VAL A 57 8.96 -10.34 8.74
N GLY A 58 9.56 -10.31 9.93
CA GLY A 58 8.84 -10.06 11.17
C GLY A 58 8.07 -8.75 11.13
N LEU A 59 8.72 -7.69 10.64
CA LEU A 59 8.10 -6.36 10.57
C LEU A 59 6.84 -6.36 9.71
N THR A 60 6.95 -6.94 8.51
CA THR A 60 5.82 -7.03 7.60
C THR A 60 4.71 -7.96 8.11
N LEU A 61 5.09 -8.93 8.93
CA LEU A 61 4.12 -9.79 9.59
C LEU A 61 3.34 -9.01 10.64
N ARG A 62 4.00 -8.19 11.43
CA ARG A 62 3.24 -7.44 12.44
C ARG A 62 2.35 -6.38 11.80
N LYS A 63 2.81 -5.80 10.70
CA LYS A 63 1.98 -4.89 9.91
C LYS A 63 0.72 -5.64 9.47
N LEU A 64 0.92 -6.81 8.86
CA LEU A 64 -0.15 -7.69 8.35
C LEU A 64 -1.16 -8.04 9.43
N ILE A 65 -0.68 -8.63 10.51
CA ILE A 65 -1.54 -9.02 11.59
C ILE A 65 -2.32 -7.83 12.17
N GLY A 66 -1.72 -6.65 12.16
CA GLY A 66 -2.39 -5.47 12.68
C GLY A 66 -3.59 -5.07 11.82
N SER A 67 -3.45 -5.21 10.51
CA SER A 67 -4.50 -4.80 9.58
C SER A 67 -5.62 -5.83 9.47
N VAL A 68 -5.30 -7.08 9.83
CA VAL A 68 -6.29 -8.15 9.99
C VAL A 68 -7.08 -8.01 11.30
N ASP A 69 -6.39 -7.71 12.39
CA ASP A 69 -7.03 -7.46 13.68
C ASP A 69 -8.00 -6.28 13.58
N ASP A 70 -7.64 -5.25 12.81
CA ASP A 70 -8.52 -4.09 12.57
C ASP A 70 -9.81 -4.49 11.89
N LEU A 71 -9.75 -5.57 11.12
CA LEU A 71 -10.88 -6.04 10.34
C LEU A 71 -11.74 -7.04 11.09
N LEU A 72 -11.07 -7.97 11.79
CA LEU A 72 -11.73 -9.06 12.51
C LEU A 72 -13.10 -8.72 13.15
N PRO A 73 -13.24 -7.55 13.80
CA PRO A 73 -14.58 -7.15 14.24
C PRO A 73 -15.67 -7.33 13.15
N SER A 74 -15.68 -6.46 12.14
CA SER A 74 -16.69 -6.51 11.07
C SER A 74 -16.55 -7.73 10.15
N LEU A 75 -16.80 -8.94 10.67
CA LEU A 75 -16.86 -10.18 9.85
C LEU A 75 -17.28 -11.46 10.63
N PRO A 76 -17.87 -12.47 9.94
CA PRO A 76 -18.51 -13.66 10.57
C PRO A 76 -17.64 -14.50 11.52
N SER A 77 -18.26 -14.96 12.60
CA SER A 77 -17.55 -15.55 13.73
C SER A 77 -16.99 -16.94 13.44
N SER A 78 -17.46 -17.58 12.37
CA SER A 78 -16.89 -18.84 11.94
C SER A 78 -15.58 -18.61 11.19
N SER A 79 -15.45 -17.41 10.61
CA SER A 79 -14.24 -16.97 9.93
C SER A 79 -13.27 -16.29 10.89
N ARG A 80 -13.80 -15.45 11.79
CA ARG A 80 -12.97 -14.93 12.89
C ARG A 80 -12.07 -16.03 13.44
N THR A 81 -12.54 -17.27 13.31
CA THR A 81 -11.93 -18.41 13.98
C THR A 81 -10.74 -18.99 13.25
N GLU A 82 -10.91 -19.36 11.98
CA GLU A 82 -9.79 -19.88 11.19
C GLU A 82 -8.82 -18.76 10.78
N ILE A 83 -9.26 -17.51 10.87
CA ILE A 83 -8.37 -16.36 10.70
C ILE A 83 -7.47 -16.27 11.90
N GLU A 84 -8.07 -16.09 13.08
CA GLU A 84 -7.36 -16.18 14.34
C GLU A 84 -6.60 -17.49 14.39
N GLY A 85 -7.07 -18.46 13.62
CA GLY A 85 -6.44 -19.77 13.54
C GLY A 85 -5.06 -19.67 12.97
N THR A 86 -4.96 -19.14 11.75
CA THR A 86 -3.66 -19.04 11.08
C THR A 86 -2.80 -17.89 11.65
N GLN A 87 -3.46 -16.90 12.26
CA GLN A 87 -2.77 -15.81 12.95
C GLN A 87 -1.87 -16.34 14.07
N LYS A 88 -2.43 -17.27 14.84
CA LYS A 88 -1.69 -18.03 15.83
C LYS A 88 -0.56 -18.78 15.15
N LEU A 89 -0.89 -19.45 14.05
CA LEU A 89 0.06 -20.29 13.33
C LEU A 89 1.25 -19.48 12.83
N LEU A 90 1.00 -18.22 12.48
CA LEU A 90 2.02 -17.36 11.88
C LEU A 90 3.04 -16.96 12.93
N ASN A 91 2.58 -16.78 14.16
CA ASN A 91 3.50 -16.52 15.25
C ASN A 91 4.41 -17.71 15.45
N LYS A 92 3.79 -18.88 15.57
CA LYS A 92 4.55 -20.12 15.63
C LYS A 92 5.53 -20.24 14.44
N ASP A 93 5.16 -19.67 13.29
CA ASP A 93 6.01 -19.70 12.10
C ASP A 93 7.24 -18.79 12.20
N LEU A 94 7.05 -17.64 12.84
CA LEU A 94 8.12 -16.66 13.04
C LEU A 94 9.08 -17.13 14.13
N ALA A 95 8.50 -17.65 15.20
CA ALA A 95 9.24 -18.30 16.25
C ALA A 95 10.29 -19.26 15.68
N GLU A 96 9.85 -20.11 14.78
CA GLU A 96 10.75 -21.11 14.23
C GLU A 96 11.78 -20.49 13.30
N LEU A 97 11.36 -19.51 12.49
CA LEU A 97 12.29 -18.81 11.62
C LEU A 97 13.38 -18.09 12.43
N ILE A 98 12.99 -17.47 13.55
CA ILE A 98 14.00 -16.83 14.39
C ILE A 98 15.00 -17.86 14.91
N ASN A 99 14.48 -18.89 15.56
CA ASN A 99 15.29 -19.92 16.18
C ASN A 99 16.17 -20.71 15.21
N LYS A 100 15.69 -20.93 13.99
CA LYS A 100 16.51 -21.53 12.96
C LYS A 100 17.59 -20.56 12.47
N MET A 101 17.31 -19.27 12.60
CA MET A 101 18.21 -18.23 12.15
C MET A 101 19.32 -18.10 13.18
N ARG A 102 18.94 -18.13 14.45
CA ARG A 102 19.90 -18.14 15.55
C ARG A 102 20.83 -19.36 15.47
N LEU A 103 20.26 -20.54 15.26
CA LEU A 103 21.06 -21.74 15.02
C LEU A 103 22.04 -21.53 13.87
N ALA A 104 21.53 -21.11 12.72
CA ALA A 104 22.35 -20.86 11.56
C ALA A 104 23.51 -19.91 11.89
N GLN A 105 23.22 -18.89 12.69
CA GLN A 105 24.24 -17.94 13.11
C GLN A 105 25.33 -18.60 13.96
N GLN A 106 24.89 -19.43 14.89
CA GLN A 106 25.76 -20.06 15.88
C GLN A 106 26.46 -21.28 15.30
N ASN A 107 25.96 -21.75 14.16
CA ASN A 107 26.50 -22.91 13.49
C ASN A 107 26.96 -22.58 12.09
N ALA A 108 27.44 -21.36 11.93
CA ALA A 108 28.29 -21.04 10.78
C ALA A 108 29.56 -21.81 11.10
N VAL A 109 30.26 -22.28 10.06
CA VAL A 109 31.53 -23.05 10.22
C VAL A 109 31.52 -24.46 10.90
N THR A 110 30.36 -24.97 11.29
CA THR A 110 30.27 -26.36 11.83
C THR A 110 29.59 -27.33 10.85
N SER A 111 29.27 -28.53 11.35
CA SER A 111 28.71 -29.66 10.56
C SER A 111 27.42 -29.28 9.85
N LEU A 112 26.48 -28.75 10.62
CA LEU A 112 25.18 -28.41 10.08
C LEU A 112 25.07 -26.92 9.72
N SER A 113 26.19 -26.35 9.28
CA SER A 113 26.25 -24.96 8.80
C SER A 113 25.19 -24.76 7.73
N GLU A 114 25.20 -25.66 6.76
CA GLU A 114 24.35 -25.61 5.60
C GLU A 114 22.96 -26.10 5.95
N GLU A 115 22.90 -27.11 6.80
CA GLU A 115 21.65 -27.72 7.22
C GLU A 115 20.73 -26.75 7.98
N CYS A 116 21.32 -25.81 8.70
CA CYS A 116 20.57 -24.78 9.43
C CYS A 116 20.02 -23.72 8.51
N LYS A 117 20.75 -23.42 7.44
CA LYS A 117 20.28 -22.52 6.42
C LYS A 117 19.13 -23.10 5.59
N ARG A 118 19.15 -24.40 5.34
CA ARG A 118 18.02 -25.08 4.70
C ARG A 118 16.77 -24.94 5.55
N GLN A 119 16.96 -24.95 6.86
CA GLN A 119 15.86 -24.87 7.80
C GLN A 119 15.27 -23.46 7.86
N MET A 120 16.12 -22.46 7.68
CA MET A 120 15.68 -21.07 7.55
C MET A 120 14.83 -20.89 6.32
N LEU A 121 15.34 -21.35 5.18
CA LEU A 121 14.60 -21.31 3.93
C LEU A 121 13.26 -22.01 4.03
N THR A 122 13.23 -23.17 4.66
CA THR A 122 11.97 -23.85 4.91
C THR A 122 11.03 -22.95 5.74
N ALA A 123 11.51 -22.46 6.88
CA ALA A 123 10.65 -21.77 7.84
C ALA A 123 10.02 -20.54 7.23
N SER A 124 10.83 -19.79 6.49
CA SER A 124 10.36 -18.58 5.87
C SER A 124 9.39 -18.94 4.77
N HIS A 125 9.72 -19.96 3.98
CA HIS A 125 8.82 -20.38 2.92
C HIS A 125 7.43 -20.75 3.46
N THR A 126 7.40 -21.53 4.54
CA THR A 126 6.11 -21.95 5.05
C THR A 126 5.40 -20.75 5.67
N LEU A 127 6.17 -19.77 6.11
CA LEU A 127 5.59 -18.54 6.63
C LEU A 127 4.84 -17.79 5.49
N ALA A 128 5.47 -17.74 4.33
CA ALA A 128 4.87 -17.10 3.16
C ALA A 128 3.57 -17.80 2.72
N VAL A 129 3.62 -19.13 2.58
CA VAL A 129 2.44 -19.95 2.28
C VAL A 129 1.25 -19.77 3.26
N ASP A 130 1.55 -19.68 4.56
CA ASP A 130 0.54 -19.44 5.58
C ASP A 130 -0.09 -18.09 5.44
N ALA A 131 0.76 -17.08 5.22
CA ALA A 131 0.29 -15.71 4.99
C ALA A 131 -0.66 -15.63 3.80
N LYS A 132 -0.39 -16.43 2.77
CA LYS A 132 -1.30 -16.48 1.64
C LYS A 132 -2.64 -17.06 2.07
N ASN A 133 -2.59 -18.18 2.79
CA ASN A 133 -3.81 -18.80 3.30
C ASN A 133 -4.58 -17.87 4.25
N LEU A 134 -3.86 -16.96 4.90
CA LEU A 134 -4.52 -15.92 5.64
C LEU A 134 -5.29 -15.01 4.70
N LEU A 135 -4.64 -14.58 3.63
CA LEU A 135 -5.27 -13.67 2.68
C LEU A 135 -6.51 -14.31 2.08
N ASP A 136 -6.39 -15.58 1.74
CA ASP A 136 -7.48 -16.32 1.17
C ASP A 136 -8.70 -16.34 2.07
N ALA A 137 -8.55 -16.73 3.35
CA ALA A 137 -9.66 -16.73 4.29
C ALA A 137 -10.24 -15.33 4.42
N VAL A 138 -9.38 -14.33 4.47
CA VAL A 138 -9.81 -12.93 4.59
C VAL A 138 -10.67 -12.52 3.40
N ASP A 139 -10.27 -12.94 2.21
CA ASP A 139 -11.03 -12.68 1.00
C ASP A 139 -12.41 -13.30 1.10
N GLN A 140 -12.47 -14.61 1.31
CA GLN A 140 -13.72 -15.31 1.54
C GLN A 140 -14.60 -14.66 2.62
N ALA A 141 -13.99 -14.22 3.72
CA ALA A 141 -14.73 -13.60 4.81
C ALA A 141 -15.37 -12.28 4.39
N LYS A 142 -14.63 -11.45 3.65
CA LYS A 142 -15.15 -10.18 3.14
C LYS A 142 -16.35 -10.43 2.21
N VAL A 143 -16.21 -11.38 1.29
CA VAL A 143 -17.33 -11.83 0.46
C VAL A 143 -18.51 -12.26 1.32
N LEU A 144 -18.31 -13.29 2.16
CA LEU A 144 -19.39 -13.82 3.00
C LEU A 144 -20.04 -12.76 3.84
N ALA A 145 -19.38 -11.61 4.04
CA ALA A 145 -19.98 -10.52 4.80
C ALA A 145 -20.27 -9.28 3.96
N ASN A 146 -20.65 -9.47 2.70
CA ASN A 146 -21.07 -8.37 1.80
C ASN A 146 -20.13 -7.18 1.84
N LEU A 147 -18.84 -7.46 1.98
CA LEU A 147 -17.86 -6.43 2.28
C LEU A 147 -16.91 -6.21 1.11
N ALA A 148 -16.92 -7.19 0.21
CA ALA A 148 -16.01 -7.28 -0.93
C ALA A 148 -16.57 -6.68 -2.24
N HIS A 149 -15.69 -6.11 -3.05
CA HIS A 149 -16.04 -5.42 -4.28
C HIS A 149 -15.12 -5.89 -5.40
N PRO A 150 -15.60 -5.93 -6.65
CA PRO A 150 -14.81 -6.41 -7.78
C PRO A 150 -13.76 -5.39 -8.22
N PRO A 151 -12.68 -5.85 -8.92
CA PRO A 151 -11.58 -4.96 -9.33
C PRO A 151 -12.13 -3.70 -9.97
N ALA A 152 -11.51 -2.54 -9.71
CA ALA A 152 -12.06 -1.25 -10.21
C ALA A 152 -11.51 -0.82 -11.57
N ARG B 3 -4.52 -10.45 -7.17
CA ARG B 3 -4.54 -11.54 -8.21
C ARG B 3 -3.13 -11.96 -8.72
N GLU B 4 -2.27 -10.99 -9.06
CA GLU B 4 -0.93 -11.28 -9.63
C GLU B 4 0.11 -11.67 -8.56
N LEU B 5 -0.33 -11.61 -7.29
CA LEU B 5 0.41 -12.21 -6.17
C LEU B 5 0.61 -13.71 -6.37
N ASP B 6 -0.28 -14.34 -7.14
CA ASP B 6 -0.18 -15.76 -7.53
C ASP B 6 1.09 -16.00 -8.31
N GLU B 7 1.39 -15.08 -9.21
CA GLU B 7 2.61 -15.13 -10.00
C GLU B 7 3.82 -14.81 -9.12
N LEU B 8 3.62 -13.89 -8.18
CA LEU B 8 4.60 -13.64 -7.12
C LEU B 8 4.75 -14.89 -6.25
N MET B 9 3.65 -15.62 -6.06
CA MET B 9 3.69 -16.83 -5.25
C MET B 9 4.44 -17.96 -5.91
N ALA B 10 4.04 -18.35 -7.12
CA ALA B 10 4.77 -19.39 -7.87
C ALA B 10 6.25 -19.02 -8.06
N SER B 11 6.57 -17.74 -7.88
CA SER B 11 7.95 -17.25 -7.87
C SER B 11 8.79 -17.81 -6.71
N LEU B 12 8.18 -17.96 -5.53
CA LEU B 12 8.76 -18.77 -4.46
C LEU B 12 8.89 -20.21 -4.93
N SER B 13 7.82 -20.68 -5.58
CA SER B 13 7.73 -22.03 -6.12
C SER B 13 7.41 -23.02 -4.98
N ALA C 1 -5.32 -9.12 20.05
CA ALA C 1 -4.22 -9.92 20.68
C ALA C 1 -2.92 -9.82 19.87
N THR C 2 -1.89 -9.19 20.45
CA THR C 2 -0.56 -9.00 19.80
C THR C 2 0.64 -9.29 20.74
N ARG C 3 0.36 -9.63 22.00
CA ARG C 3 1.39 -9.82 23.06
C ARG C 3 2.51 -10.84 22.77
N GLU C 4 2.19 -11.93 22.06
CA GLU C 4 3.15 -13.00 21.76
C GLU C 4 4.17 -12.60 20.69
N LEU C 5 3.72 -11.83 19.71
CA LEU C 5 4.50 -11.49 18.53
C LEU C 5 5.58 -10.44 18.80
N ASP C 6 5.22 -9.41 19.57
CA ASP C 6 6.17 -8.37 19.90
C ASP C 6 7.15 -8.85 20.96
N GLU C 7 6.91 -10.06 21.47
CA GLU C 7 7.86 -10.80 22.33
C GLU C 7 9.05 -11.33 21.51
N LEU C 8 8.73 -11.97 20.40
CA LEU C 8 9.70 -12.44 19.42
C LEU C 8 10.44 -11.27 18.76
N MET C 9 9.69 -10.24 18.40
CA MET C 9 10.21 -9.05 17.76
C MET C 9 11.22 -8.29 18.61
N ALA C 10 11.01 -8.28 19.93
CA ALA C 10 11.95 -7.68 20.86
C ALA C 10 13.24 -8.49 20.94
N SER C 11 13.07 -9.82 20.99
CA SER C 11 14.19 -10.79 21.17
C SER C 11 15.35 -10.64 20.17
N LEU C 12 15.01 -10.38 18.91
CA LEU C 12 16.05 -10.13 17.90
C LEU C 12 16.36 -8.63 17.84
N SER C 13 17.65 -8.32 17.61
CA SER C 13 18.20 -6.96 17.75
C SER C 13 18.24 -6.49 19.22
N ILE D 11 1.59 25.59 0.44
CA ILE D 11 0.38 24.89 0.99
C ILE D 11 0.03 25.38 2.42
N GLN D 12 -0.77 26.45 2.45
CA GLN D 12 -1.29 27.07 3.68
C GLN D 12 -2.59 26.37 4.12
N PRO D 13 -3.07 26.66 5.36
CA PRO D 13 -4.30 26.08 5.91
C PRO D 13 -5.49 26.02 4.96
N THR D 14 -6.20 24.88 5.00
CA THR D 14 -7.41 24.69 4.19
C THR D 14 -8.60 25.44 4.77
N ALA D 15 -9.47 25.91 3.89
CA ALA D 15 -10.66 26.64 4.25
C ALA D 15 -11.52 25.91 5.26
N ASN D 16 -12.08 26.65 6.20
CA ASN D 16 -13.03 26.13 7.16
C ASN D 16 -14.42 26.38 6.63
N LEU D 17 -15.00 25.35 6.02
CA LEU D 17 -16.33 25.45 5.40
C LEU D 17 -17.29 24.32 5.79
N ASP D 18 -18.48 24.34 5.20
CA ASP D 18 -19.43 23.26 5.34
C ASP D 18 -18.97 22.13 4.44
N ARG D 19 -18.82 20.94 5.02
CA ARG D 19 -18.26 19.80 4.31
C ARG D 19 -19.22 18.61 4.20
N THR D 20 -20.50 18.84 4.53
CA THR D 20 -21.53 17.77 4.52
C THR D 20 -21.80 17.20 3.13
N ASP D 21 -21.73 18.06 2.11
CA ASP D 21 -21.98 17.64 0.73
C ASP D 21 -20.96 18.25 -0.23
N ASP D 22 -19.76 18.51 0.31
CA ASP D 22 -18.63 18.93 -0.49
C ASP D 22 -17.95 17.67 -1.03
N LEU D 23 -18.30 17.32 -2.26
CA LEU D 23 -17.78 16.09 -2.86
C LEU D 23 -16.33 16.26 -3.27
N VAL D 24 -16.01 17.46 -3.76
CA VAL D 24 -14.64 17.82 -4.11
C VAL D 24 -13.74 17.63 -2.90
N TYR D 25 -14.22 18.06 -1.74
CA TYR D 25 -13.46 17.91 -0.51
C TYR D 25 -13.09 16.46 -0.26
N LEU D 26 -14.09 15.61 -0.16
CA LEU D 26 -13.90 14.21 0.18
C LEU D 26 -12.92 13.53 -0.75
N ASN D 27 -13.10 13.76 -2.06
CA ASN D 27 -12.22 13.19 -3.06
C ASN D 27 -10.80 13.69 -2.89
N VAL D 28 -10.66 14.91 -2.43
CA VAL D 28 -9.34 15.45 -2.17
C VAL D 28 -8.78 14.81 -0.89
N MET D 29 -9.65 14.35 0.00
CA MET D 29 -9.23 13.56 1.16
C MET D 29 -8.74 12.17 0.74
N GLU D 30 -9.56 11.47 -0.03
CA GLU D 30 -9.20 10.14 -0.50
C GLU D 30 -7.95 10.19 -1.35
N LEU D 31 -7.86 11.22 -2.19
CA LEU D 31 -6.73 11.35 -3.07
C LEU D 31 -5.46 11.42 -2.24
N VAL D 32 -5.48 12.27 -1.22
CA VAL D 32 -4.32 12.41 -0.37
C VAL D 32 -4.01 11.13 0.40
N ARG D 33 -5.06 10.47 0.92
CA ARG D 33 -4.93 9.18 1.59
C ARG D 33 -4.15 8.23 0.67
N ALA D 34 -4.65 8.06 -0.56
CA ALA D 34 -4.07 7.16 -1.56
C ALA D 34 -2.61 7.45 -1.79
N VAL D 35 -2.27 8.74 -1.82
CA VAL D 35 -0.90 9.22 -1.97
C VAL D 35 -0.10 8.94 -0.70
N LEU D 36 -0.76 8.96 0.45
CA LEU D 36 -0.06 8.59 1.69
C LEU D 36 0.25 7.10 1.73
N GLU D 37 -0.76 6.26 1.47
CA GLU D 37 -0.56 4.81 1.31
C GLU D 37 0.65 4.49 0.41
N LEU D 38 0.74 5.13 -0.76
CA LEU D 38 1.90 4.96 -1.65
C LEU D 38 3.21 5.38 -0.98
N LYS D 39 3.24 6.57 -0.39
CA LYS D 39 4.48 7.13 0.15
C LYS D 39 4.97 6.44 1.42
N ASN D 40 4.65 5.15 1.59
CA ASN D 40 5.05 4.44 2.81
C ASN D 40 4.91 2.93 2.68
N GLU D 41 4.17 2.50 1.68
CA GLU D 41 4.15 1.08 1.36
C GLU D 41 5.10 0.79 0.21
N LEU D 42 5.75 1.82 -0.31
CA LEU D 42 6.60 1.67 -1.48
C LEU D 42 7.89 0.91 -1.20
N ALA D 43 8.54 1.21 -0.08
CA ALA D 43 9.79 0.54 0.27
C ALA D 43 9.65 -0.98 0.46
N GLN D 44 8.55 -1.43 1.09
CA GLN D 44 8.37 -2.86 1.35
C GLN D 44 7.80 -3.65 0.16
N LEU D 45 7.12 -2.95 -0.77
CA LEU D 45 6.38 -3.58 -1.87
C LEU D 45 7.24 -4.07 -3.03
N PRO D 46 6.81 -5.17 -3.69
CA PRO D 46 7.47 -5.66 -4.89
C PRO D 46 7.05 -4.85 -6.11
N PRO D 47 7.91 -4.82 -7.15
CA PRO D 47 7.59 -4.23 -8.45
C PRO D 47 6.16 -4.50 -8.91
N GLU D 48 5.61 -5.64 -8.56
CA GLU D 48 4.23 -5.96 -8.96
C GLU D 48 3.19 -5.31 -8.03
N GLY D 49 3.60 -4.95 -6.82
CA GLY D 49 2.74 -4.18 -5.92
C GLY D 49 2.47 -2.78 -6.42
N TYR D 50 3.46 -2.19 -7.08
CA TYR D 50 3.41 -0.79 -7.55
C TYR D 50 2.16 -0.40 -8.37
N VAL D 51 1.69 -1.32 -9.22
CA VAL D 51 0.47 -1.09 -10.02
C VAL D 51 -0.73 -0.78 -9.14
N VAL D 52 -0.79 -1.44 -7.98
CA VAL D 52 -1.95 -1.33 -7.09
C VAL D 52 -2.00 0.04 -6.40
N VAL D 53 -0.91 0.40 -5.70
CA VAL D 53 -0.84 1.70 -5.03
C VAL D 53 -1.08 2.82 -6.01
N VAL D 54 -0.49 2.72 -7.19
CA VAL D 54 -0.67 3.75 -8.21
C VAL D 54 -2.10 3.73 -8.75
N LYS D 55 -2.68 2.54 -8.92
CA LYS D 55 -4.07 2.47 -9.35
C LYS D 55 -4.98 3.20 -8.37
N ASN D 56 -4.68 3.02 -7.07
CA ASN D 56 -5.44 3.64 -5.99
C ASN D 56 -5.50 5.16 -6.15
N VAL D 57 -4.31 5.76 -6.33
CA VAL D 57 -4.19 7.19 -6.62
C VAL D 57 -4.94 7.58 -7.90
N GLY D 58 -4.80 6.77 -8.93
CA GLY D 58 -5.36 7.10 -10.23
C GLY D 58 -6.86 7.18 -10.24
N LEU D 59 -7.50 6.22 -9.59
CA LEU D 59 -8.96 6.15 -9.55
C LEU D 59 -9.55 7.28 -8.72
N THR D 60 -8.96 7.45 -7.54
CA THR D 60 -9.32 8.52 -6.65
C THR D 60 -9.21 9.88 -7.37
N LEU D 61 -8.15 10.11 -8.14
CA LEU D 61 -8.03 11.33 -8.92
C LEU D 61 -9.15 11.48 -9.94
N ARG D 62 -9.43 10.42 -10.69
CA ARG D 62 -10.56 10.41 -11.61
C ARG D 62 -11.85 10.80 -10.88
N LYS D 63 -12.14 10.14 -9.76
CA LYS D 63 -13.33 10.47 -9.00
C LYS D 63 -13.41 11.99 -8.83
N LEU D 64 -12.31 12.58 -8.37
CA LEU D 64 -12.20 14.00 -8.04
C LEU D 64 -12.42 14.88 -9.25
N ILE D 65 -11.61 14.68 -10.28
CA ILE D 65 -11.75 15.40 -11.55
C ILE D 65 -13.20 15.43 -12.01
N GLY D 66 -13.89 14.31 -11.88
CA GLY D 66 -15.29 14.22 -12.27
C GLY D 66 -16.20 15.05 -11.39
N SER D 67 -16.05 14.91 -10.07
CA SER D 67 -16.82 15.71 -9.10
C SER D 67 -16.57 17.23 -9.21
N VAL D 68 -15.34 17.62 -9.55
CA VAL D 68 -15.01 19.01 -9.86
C VAL D 68 -15.82 19.46 -11.07
N ASP D 69 -15.84 18.64 -12.12
CA ASP D 69 -16.55 18.96 -13.37
C ASP D 69 -18.04 19.28 -13.21
N ASP D 70 -18.71 18.58 -12.27
CA ASP D 70 -20.12 18.81 -11.94
C ASP D 70 -20.32 20.03 -11.02
N LEU D 71 -19.51 21.07 -11.24
CA LEU D 71 -19.49 22.29 -10.42
C LEU D 71 -18.92 23.46 -11.19
N LEU D 72 -18.13 23.16 -12.22
CA LEU D 72 -17.58 24.19 -13.09
C LEU D 72 -18.70 25.10 -13.65
N PRO D 73 -19.86 24.52 -14.03
CA PRO D 73 -21.01 25.36 -14.42
C PRO D 73 -21.46 26.43 -13.40
N SER D 74 -21.13 26.26 -12.12
CA SER D 74 -21.59 27.17 -11.05
C SER D 74 -20.61 28.29 -10.62
N LEU D 75 -19.51 28.45 -11.34
CA LEU D 75 -18.37 29.28 -10.87
C LEU D 75 -17.96 30.33 -11.90
N PRO D 76 -17.54 31.54 -11.45
CA PRO D 76 -17.19 32.61 -12.41
C PRO D 76 -16.25 32.12 -13.49
N SER D 77 -16.44 32.62 -14.71
CA SER D 77 -15.57 32.30 -15.84
C SER D 77 -14.12 32.38 -15.41
N SER D 78 -13.85 33.33 -14.52
CA SER D 78 -12.50 33.66 -14.08
C SER D 78 -11.75 32.52 -13.38
N SER D 79 -12.30 32.02 -12.27
CA SER D 79 -11.70 30.90 -11.53
C SER D 79 -11.70 29.62 -12.39
N ARG D 80 -12.80 29.42 -13.13
CA ARG D 80 -12.95 28.33 -14.10
C ARG D 80 -11.79 28.17 -15.07
N THR D 81 -10.94 29.19 -15.20
CA THR D 81 -9.71 29.06 -15.99
C THR D 81 -8.62 28.36 -15.17
N GLU D 82 -8.14 29.01 -14.10
CA GLU D 82 -7.17 28.42 -13.14
C GLU D 82 -7.56 26.99 -12.74
N ILE D 83 -8.84 26.78 -12.45
CA ILE D 83 -9.37 25.46 -12.13
C ILE D 83 -9.09 24.45 -13.24
N GLU D 84 -9.58 24.75 -14.45
CA GLU D 84 -9.42 23.86 -15.60
C GLU D 84 -7.96 23.57 -15.95
N GLY D 85 -7.08 24.52 -15.63
CA GLY D 85 -5.66 24.36 -15.86
C GLY D 85 -4.99 23.50 -14.80
N THR D 86 -5.68 23.25 -13.68
CA THR D 86 -5.18 22.35 -12.61
C THR D 86 -5.52 20.88 -12.89
N GLN D 87 -6.77 20.64 -13.30
CA GLN D 87 -7.17 19.36 -13.90
C GLN D 87 -6.12 18.91 -14.91
N LYS D 88 -5.94 19.69 -15.98
CA LYS D 88 -4.88 19.45 -16.97
C LYS D 88 -3.52 19.15 -16.33
N LEU D 89 -3.11 19.97 -15.37
CA LEU D 89 -1.84 19.75 -14.66
C LEU D 89 -1.83 18.42 -13.91
N LEU D 90 -2.87 18.18 -13.11
CA LEU D 90 -2.96 16.94 -12.34
C LEU D 90 -2.76 15.70 -13.22
N ASN D 91 -3.24 15.76 -14.46
CA ASN D 91 -3.09 14.63 -15.38
C ASN D 91 -1.66 14.46 -15.78
N LYS D 92 -0.99 15.58 -16.02
CA LYS D 92 0.43 15.55 -16.23
C LYS D 92 1.08 14.82 -15.05
N ASP D 93 0.67 15.15 -13.81
CA ASP D 93 1.28 14.56 -12.58
C ASP D 93 1.14 13.06 -12.49
N LEU D 94 -0.01 12.55 -12.96
CA LEU D 94 -0.30 11.12 -12.95
C LEU D 94 0.44 10.41 -14.08
N ALA D 95 0.37 10.98 -15.29
CA ALA D 95 1.10 10.48 -16.42
C ALA D 95 2.54 10.19 -16.01
N GLU D 96 3.18 11.15 -15.34
CA GLU D 96 4.55 10.99 -14.79
C GLU D 96 4.57 9.83 -13.82
N LEU D 97 3.73 9.89 -12.80
CA LEU D 97 3.65 8.83 -11.80
C LEU D 97 3.60 7.46 -12.46
N ILE D 98 2.76 7.30 -13.48
CA ILE D 98 2.60 6.02 -14.17
C ILE D 98 3.89 5.60 -14.86
N ASN D 99 4.46 6.52 -15.63
CA ASN D 99 5.72 6.26 -16.33
C ASN D 99 6.88 6.01 -15.39
N LYS D 100 6.99 6.80 -14.32
CA LYS D 100 8.03 6.56 -13.33
C LYS D 100 7.84 5.21 -12.63
N MET D 101 6.59 4.77 -12.50
CA MET D 101 6.30 3.47 -11.91
C MET D 101 6.70 2.34 -12.88
N ARG D 102 6.14 2.39 -14.07
CA ARG D 102 6.52 1.54 -15.20
C ARG D 102 8.06 1.32 -15.28
N LEU D 103 8.81 2.40 -15.11
CA LEU D 103 10.26 2.33 -15.06
C LEU D 103 10.73 1.56 -13.85
N ALA D 104 10.29 1.97 -12.66
CA ALA D 104 10.69 1.30 -11.42
C ALA D 104 10.36 -0.19 -11.41
N GLN D 105 9.29 -0.55 -12.10
CA GLN D 105 8.88 -1.95 -12.28
C GLN D 105 9.94 -2.70 -13.06
N GLN D 106 10.54 -2.01 -14.02
CA GLN D 106 11.52 -2.60 -14.91
C GLN D 106 12.87 -2.69 -14.23
N ASN D 107 13.15 -1.72 -13.37
CA ASN D 107 14.45 -1.68 -12.74
C ASN D 107 14.44 -2.06 -11.27
N ALA D 108 14.13 -3.32 -11.00
CA ALA D 108 14.47 -3.91 -9.73
C ALA D 108 15.91 -4.44 -9.87
N VAL D 109 16.74 -4.14 -8.88
CA VAL D 109 18.16 -4.58 -8.82
C VAL D 109 19.12 -4.02 -9.90
N THR D 110 18.64 -3.16 -10.81
CA THR D 110 19.56 -2.50 -11.75
C THR D 110 20.18 -1.22 -11.16
N SER D 111 20.98 -0.54 -11.98
CA SER D 111 21.69 0.67 -11.57
C SER D 111 20.72 1.77 -11.13
N LEU D 112 19.86 2.25 -12.03
CA LEU D 112 18.90 3.31 -11.69
C LEU D 112 17.62 2.77 -10.99
N SER D 113 17.76 1.61 -10.36
CA SER D 113 16.69 1.00 -9.58
C SER D 113 16.21 1.88 -8.43
N GLU D 114 17.16 2.44 -7.70
CA GLU D 114 16.84 3.18 -6.48
C GLU D 114 16.36 4.58 -6.79
N GLU D 115 16.67 5.07 -7.98
CA GLU D 115 16.30 6.42 -8.37
C GLU D 115 14.88 6.47 -8.90
N CYS D 116 14.46 5.40 -9.56
CA CYS D 116 13.09 5.30 -10.08
C CYS D 116 12.05 5.32 -8.97
N LYS D 117 12.42 4.80 -7.80
CA LYS D 117 11.53 4.78 -6.65
C LYS D 117 11.40 6.17 -6.02
N ARG D 118 12.50 6.92 -6.00
CA ARG D 118 12.48 8.28 -5.44
C ARG D 118 11.65 9.21 -6.31
N GLN D 119 11.62 8.89 -7.60
CA GLN D 119 10.83 9.63 -8.58
C GLN D 119 9.34 9.39 -8.45
N MET D 120 8.93 8.16 -8.16
CA MET D 120 7.53 7.87 -7.86
C MET D 120 7.06 8.60 -6.62
N LEU D 121 7.90 8.58 -5.59
CA LEU D 121 7.58 9.25 -4.35
C LEU D 121 7.46 10.74 -4.58
N THR D 122 8.42 11.32 -5.30
CA THR D 122 8.32 12.70 -5.76
C THR D 122 7.06 12.96 -6.59
N ALA D 123 6.87 12.26 -7.71
CA ALA D 123 5.74 12.51 -8.58
C ALA D 123 4.40 12.44 -7.85
N SER D 124 4.26 11.44 -6.97
CA SER D 124 3.03 11.24 -6.18
C SER D 124 2.87 12.35 -5.15
N HIS D 125 3.98 12.68 -4.48
CA HIS D 125 3.95 13.80 -3.56
C HIS D 125 3.39 15.05 -4.22
N THR D 126 3.96 15.43 -5.36
CA THR D 126 3.52 16.62 -6.03
C THR D 126 2.09 16.49 -6.56
N LEU D 127 1.64 15.26 -6.76
CA LEU D 127 0.24 15.03 -7.14
C LEU D 127 -0.70 15.51 -6.05
N ALA D 128 -0.35 15.18 -4.80
CA ALA D 128 -1.11 15.59 -3.63
C ALA D 128 -1.09 17.10 -3.45
N VAL D 129 0.08 17.70 -3.65
CA VAL D 129 0.22 19.13 -3.48
C VAL D 129 -0.61 19.86 -4.52
N ASP D 130 -0.78 19.25 -5.68
CA ASP D 130 -1.60 19.89 -6.69
C ASP D 130 -3.07 19.70 -6.51
N ALA D 131 -3.48 18.56 -5.95
CA ALA D 131 -4.88 18.31 -5.68
C ALA D 131 -5.31 19.23 -4.57
N LYS D 132 -4.38 19.53 -3.67
CA LYS D 132 -4.61 20.47 -2.58
C LYS D 132 -4.90 21.84 -3.14
N ASN D 133 -4.01 22.32 -4.00
CA ASN D 133 -4.20 23.61 -4.65
C ASN D 133 -5.50 23.64 -5.42
N LEU D 134 -5.86 22.51 -6.02
CA LEU D 134 -7.15 22.45 -6.66
C LEU D 134 -8.24 22.76 -5.67
N LEU D 135 -8.20 22.13 -4.50
CA LEU D 135 -9.25 22.34 -3.52
C LEU D 135 -9.36 23.81 -3.13
N ASP D 136 -8.22 24.46 -2.90
CA ASP D 136 -8.19 25.87 -2.54
C ASP D 136 -8.91 26.74 -3.55
N ALA D 137 -8.52 26.60 -4.83
CA ALA D 137 -9.24 27.18 -5.95
C ALA D 137 -10.76 26.93 -5.91
N VAL D 138 -11.17 25.68 -5.74
CA VAL D 138 -12.59 25.41 -5.66
C VAL D 138 -13.20 26.16 -4.48
N ASP D 139 -12.58 26.05 -3.30
CA ASP D 139 -13.03 26.75 -2.09
C ASP D 139 -13.18 28.26 -2.36
N GLN D 140 -12.15 28.84 -2.94
CA GLN D 140 -12.05 30.28 -3.17
C GLN D 140 -13.15 30.75 -4.12
N ALA D 141 -13.56 29.86 -5.03
CA ALA D 141 -14.61 30.16 -6.01
C ALA D 141 -16.03 29.96 -5.48
N LYS D 142 -16.22 28.95 -4.64
CA LYS D 142 -17.49 28.76 -3.96
C LYS D 142 -17.86 29.96 -3.08
N VAL D 143 -16.87 30.75 -2.69
CA VAL D 143 -17.12 31.96 -1.89
C VAL D 143 -17.63 33.07 -2.79
N LEU D 144 -16.86 33.34 -3.86
CA LEU D 144 -17.23 34.33 -4.87
C LEU D 144 -18.64 34.09 -5.39
N ALA D 145 -19.01 32.83 -5.60
CA ALA D 145 -20.36 32.51 -6.07
C ALA D 145 -21.35 32.29 -4.93
N ASN D 146 -21.17 33.04 -3.82
CA ASN D 146 -22.05 32.99 -2.63
C ASN D 146 -22.65 31.61 -2.32
N LEU D 147 -21.85 30.57 -2.52
CA LEU D 147 -22.30 29.19 -2.38
C LEU D 147 -21.67 28.51 -1.14
N ALA D 148 -20.61 29.15 -0.62
CA ALA D 148 -19.86 28.70 0.55
C ALA D 148 -20.61 29.01 1.83
N HIS D 149 -20.48 28.15 2.82
CA HIS D 149 -21.18 28.30 4.11
C HIS D 149 -20.26 27.82 5.25
N PRO D 150 -20.29 28.49 6.42
CA PRO D 150 -19.39 28.18 7.53
C PRO D 150 -19.66 26.80 8.16
N PRO D 151 -18.68 26.26 8.93
CA PRO D 151 -18.87 25.02 9.70
C PRO D 151 -19.80 25.21 10.89
N ARG E 3 -9.74 20.14 7.20
CA ARG E 3 -8.89 20.49 8.38
C ARG E 3 -8.29 19.27 9.13
N GLU E 4 -8.85 18.08 8.87
CA GLU E 4 -8.17 16.79 9.09
C GLU E 4 -7.13 16.68 7.98
N LEU E 5 -7.44 17.34 6.85
CA LEU E 5 -6.56 17.42 5.69
C LEU E 5 -5.27 18.13 5.98
N ASP E 6 -5.34 19.20 6.75
CA ASP E 6 -4.12 19.93 7.10
C ASP E 6 -3.12 18.98 7.77
N GLU E 7 -3.65 18.07 8.58
CA GLU E 7 -2.86 17.05 9.25
C GLU E 7 -2.27 16.05 8.25
N LEU E 8 -3.10 15.53 7.35
CA LEU E 8 -2.67 14.67 6.24
C LEU E 8 -1.59 15.31 5.38
N MET E 9 -1.73 16.61 5.15
CA MET E 9 -0.77 17.35 4.35
C MET E 9 0.63 17.39 4.97
N ALA E 10 0.68 17.59 6.28
CA ALA E 10 1.95 17.63 7.02
C ALA E 10 2.54 16.23 7.03
N SER E 11 1.69 15.28 7.43
CA SER E 11 1.94 13.84 7.35
C SER E 11 2.59 13.41 6.03
N LEU E 12 2.48 14.23 4.98
CA LEU E 12 3.09 13.94 3.69
C LEU E 12 4.61 13.99 3.67
N SER E 13 5.18 15.03 4.27
CA SER E 13 6.63 15.16 4.29
C SER E 13 7.22 14.64 5.60
N THR F 2 -12.20 13.68 -19.56
CA THR F 2 -11.47 12.47 -19.03
C THR F 2 -10.95 11.55 -20.17
N ARG F 3 -10.87 12.07 -21.40
CA ARG F 3 -10.33 11.31 -22.55
C ARG F 3 -8.89 10.85 -22.29
N GLU F 4 -8.05 11.81 -21.92
CA GLU F 4 -6.64 11.60 -21.53
C GLU F 4 -6.51 10.73 -20.27
N LEU F 5 -7.45 10.90 -19.33
CA LEU F 5 -7.44 10.23 -18.03
C LEU F 5 -7.86 8.76 -18.10
N ASP F 6 -8.91 8.46 -18.84
CA ASP F 6 -9.31 7.07 -19.04
C ASP F 6 -8.30 6.36 -19.95
N GLU F 7 -7.48 7.17 -20.62
CA GLU F 7 -6.38 6.69 -21.45
C GLU F 7 -5.23 6.20 -20.61
N LEU F 8 -4.92 6.96 -19.55
CA LEU F 8 -3.94 6.57 -18.53
C LEU F 8 -4.45 5.40 -17.69
N MET F 9 -5.76 5.34 -17.48
CA MET F 9 -6.40 4.27 -16.72
C MET F 9 -6.49 2.94 -17.50
N ALA F 10 -6.50 3.05 -18.82
CA ALA F 10 -6.41 1.89 -19.70
C ALA F 10 -4.98 1.34 -19.70
N SER F 11 -4.00 2.22 -19.43
CA SER F 11 -2.58 1.84 -19.37
C SER F 11 -2.32 0.75 -18.34
N LEU F 12 -2.43 1.09 -17.06
CA LEU F 12 -2.49 0.05 -16.03
C LEU F 12 -3.89 -0.57 -16.07
N SER F 13 -4.16 -1.51 -15.16
CA SER F 13 -5.44 -2.24 -15.11
C SER F 13 -5.63 -3.06 -16.38
#